data_3U1I
#
_entry.id   3U1I
#
_cell.length_a   104.220
_cell.length_b   133.120
_cell.length_c   76.030
_cell.angle_alpha   90.00
_cell.angle_beta   90.00
_cell.angle_gamma   90.00
#
_symmetry.space_group_name_H-M   'C 2 2 21'
#
loop_
_entity.id
_entity.type
_entity.pdbx_description
1 polymer 'Serine protease subunit NS2B'
2 polymer 'Serine protease NS3'
3 polymer 'peptide of (BEZ)(NLE)KR(OAR)'
4 non-polymer 'SULFATE ION'
5 water water
#
loop_
_entity_poly.entity_id
_entity_poly.type
_entity_poly.pdbx_seq_one_letter_code
_entity_poly.pdbx_strand_id
1 'polypeptide(L)' GPLGSDLTVEKAADVTWEEEAEQTGVSHNLMITVDDDGTMRIKDDETENIL A,C
2 'polypeptide(L)'
;GGGGSGGGGSGVLWDVPSPPETQKAELEEGVYRIKQQGIFGKTQVGVGVQKEGVFHTMWHVTRGAVLTHNGKRLEPNWAS
VKKDLISYGGGWRLSAQWQKGEEVQVIAVEPGKNPKNFQTMPGTFQTTTGEIGAIALDFKPGTSGSPIINREGKVVGLYG
NGVVTKNGGYVSGIAQTNAEPDGPTPELEEE
;
B,D
3 'polypeptide(L)' (BEZ)(NLE)KR(OAR) E,F
#
# COMPACT_ATOMS: atom_id res chain seq x y z
N ASP A 6 -25.34 -22.83 -18.77
CA ASP A 6 -23.95 -23.19 -19.17
C ASP A 6 -23.02 -21.97 -19.05
N LEU A 7 -21.75 -22.21 -18.73
CA LEU A 7 -20.82 -21.13 -18.42
C LEU A 7 -19.91 -20.78 -19.58
N THR A 8 -19.66 -19.49 -19.75
CA THR A 8 -18.83 -18.93 -20.82
C THR A 8 -17.63 -18.19 -20.25
N VAL A 9 -16.67 -17.90 -21.11
CA VAL A 9 -15.41 -17.33 -20.70
C VAL A 9 -15.03 -16.22 -21.67
N GLU A 10 -14.74 -15.02 -21.17
CA GLU A 10 -14.32 -13.93 -22.04
C GLU A 10 -13.11 -13.16 -21.54
N LYS A 11 -12.12 -13.03 -22.42
CA LYS A 11 -10.83 -12.39 -22.14
C LYS A 11 -10.98 -10.97 -21.60
N ALA A 12 -10.19 -10.64 -20.57
CA ALA A 12 -10.33 -9.37 -19.91
C ALA A 12 -9.04 -8.57 -19.87
N ALA A 13 -7.94 -9.25 -19.55
CA ALA A 13 -6.66 -8.58 -19.38
C ALA A 13 -5.51 -9.57 -19.41
N ASP A 14 -4.29 -9.05 -19.45
CA ASP A 14 -3.09 -9.86 -19.36
C ASP A 14 -2.58 -9.86 -17.92
N VAL A 15 -1.81 -10.89 -17.58
CA VAL A 15 -1.22 -11.02 -16.26
C VAL A 15 0.05 -10.18 -16.19
N THR A 16 -0.11 -8.90 -15.90
CA THR A 16 1.02 -7.97 -15.90
C THR A 16 0.95 -7.02 -14.72
N TRP A 17 2.09 -6.82 -14.07
CA TRP A 17 2.25 -5.88 -12.99
C TRP A 17 2.26 -4.47 -13.55
N GLU A 18 1.33 -3.57 -13.14
CA GLU A 18 1.43 -2.18 -13.58
CA GLU A 18 1.40 -2.18 -13.57
C GLU A 18 2.19 -1.32 -12.59
N GLU A 19 3.13 -0.54 -13.14
CA GLU A 19 4.11 0.22 -12.37
C GLU A 19 3.57 1.29 -11.41
N GLU A 20 2.63 2.12 -11.85
CA GLU A 20 2.18 3.17 -10.95
C GLU A 20 0.80 2.86 -10.35
N ALA A 21 0.65 1.63 -9.86
CA ALA A 21 -0.62 1.13 -9.35
C ALA A 21 -1.05 1.81 -8.07
N GLU A 22 -2.35 2.05 -7.95
CA GLU A 22 -2.93 2.59 -6.73
C GLU A 22 -2.65 1.60 -5.60
N GLN A 23 -2.13 2.10 -4.47
CA GLN A 23 -1.87 1.28 -3.30
C GLN A 23 -3.02 1.43 -2.32
N THR A 24 -3.38 0.33 -1.67
CA THR A 24 -4.55 0.32 -0.81
C THR A 24 -4.59 -0.92 0.02
N GLY A 25 -5.35 -0.88 1.11
CA GLY A 25 -5.54 -2.06 1.94
C GLY A 25 -4.89 -1.89 3.30
N VAL A 26 -4.84 -2.98 4.05
CA VAL A 26 -4.38 -3.00 5.44
C VAL A 26 -3.71 -4.36 5.68
N SER A 27 -2.75 -4.41 6.59
CA SER A 27 -2.06 -5.64 6.96
C SER A 27 -2.55 -6.19 8.31
N HIS A 28 -3.50 -7.12 8.27
CA HIS A 28 -4.02 -7.78 9.48
C HIS A 28 -3.21 -9.01 9.82
N ASN A 29 -3.14 -9.32 11.10
CA ASN A 29 -2.48 -10.55 11.53
C ASN A 29 -3.44 -11.35 12.40
N LEU A 30 -4.03 -12.39 11.82
CA LEU A 30 -5.14 -13.07 12.46
C LEU A 30 -4.91 -14.56 12.55
N MET A 31 -5.46 -15.17 13.60
CA MET A 31 -5.44 -16.62 13.73
C MET A 31 -6.75 -17.18 13.23
N ILE A 32 -6.65 -18.15 12.34
CA ILE A 32 -7.82 -18.74 11.73
C ILE A 32 -7.72 -20.27 11.70
N THR A 33 -8.88 -20.92 11.58
CA THR A 33 -8.91 -22.32 11.18
C THR A 33 -9.62 -22.38 9.83
N VAL A 34 -9.20 -23.33 9.00
CA VAL A 34 -9.87 -23.60 7.73
C VAL A 34 -10.49 -24.98 7.90
N ASP A 35 -11.81 -25.09 7.79
CA ASP A 35 -12.36 -26.42 7.78
C ASP A 35 -12.48 -27.03 6.39
N ASP A 36 -12.80 -28.32 6.35
CA ASP A 36 -12.69 -29.12 5.15
C ASP A 36 -13.50 -28.56 3.99
N ASP A 37 -14.61 -27.87 4.29
CA ASP A 37 -15.47 -27.31 3.24
C ASP A 37 -14.96 -25.97 2.68
N GLY A 38 -13.82 -25.53 3.19
CA GLY A 38 -13.16 -24.32 2.72
C GLY A 38 -13.47 -23.06 3.52
N THR A 39 -14.35 -23.18 4.50
CA THR A 39 -14.72 -22.04 5.34
C THR A 39 -13.57 -21.61 6.27
N MET A 40 -13.21 -20.34 6.18
CA MET A 40 -12.25 -19.76 7.09
C MET A 40 -12.99 -19.09 8.24
N ARG A 41 -12.48 -19.30 9.46
CA ARG A 41 -13.06 -18.73 10.69
C ARG A 41 -11.96 -18.13 11.56
N ILE A 42 -12.16 -16.91 12.04
CA ILE A 42 -11.20 -16.29 12.93
C ILE A 42 -11.26 -16.94 14.32
N LYS A 43 -10.11 -17.41 14.80
CA LYS A 43 -10.03 -18.03 16.14
C LYS A 43 -10.48 -17.09 17.25
N ASP A 44 -11.47 -17.55 18.01
CA ASP A 44 -12.22 -16.70 18.95
C ASP A 44 -11.89 -16.97 20.41
N GLY B 8 -19.92 -28.49 6.31
CA GLY B 8 -20.26 -28.78 4.88
C GLY B 8 -19.47 -29.94 4.29
N GLY B 9 -19.86 -30.40 3.11
CA GLY B 9 -19.07 -31.42 2.43
C GLY B 9 -17.71 -30.94 1.91
N SER B 10 -16.77 -31.87 1.82
CA SER B 10 -15.54 -31.61 1.12
C SER B 10 -15.33 -32.63 0.00
N GLY B 11 -14.50 -32.27 -0.97
CA GLY B 11 -14.12 -33.18 -2.01
C GLY B 11 -12.80 -32.78 -2.65
N VAL B 12 -12.13 -33.76 -3.24
CA VAL B 12 -10.94 -33.51 -4.07
C VAL B 12 -11.10 -34.28 -5.36
N LEU B 13 -10.71 -33.68 -6.46
CA LEU B 13 -10.69 -34.37 -7.75
C LEU B 13 -9.30 -34.22 -8.35
N TRP B 14 -8.80 -35.29 -8.96
CA TRP B 14 -7.50 -35.28 -9.64
C TRP B 14 -7.51 -36.35 -10.74
N ASP B 15 -7.12 -35.98 -11.98
CA ASP B 15 -7.79 -36.52 -13.19
C ASP B 15 -6.91 -36.96 -14.36
N VAL B 16 -7.29 -36.54 -15.59
CA VAL B 16 -6.71 -37.00 -16.89
C VAL B 16 -7.00 -36.07 -18.12
N PRO B 17 -5.93 -35.59 -18.82
CA PRO B 17 -6.06 -34.61 -19.93
C PRO B 17 -6.81 -35.12 -21.18
N SER B 18 -7.51 -34.21 -21.85
CA SER B 18 -8.40 -34.54 -22.98
C SER B 18 -7.70 -34.66 -24.35
N PRO B 19 -8.40 -35.24 -25.37
CA PRO B 19 -7.74 -35.56 -26.66
C PRO B 19 -6.99 -34.41 -27.33
N ALA B 25 -9.95 -27.36 -27.17
CA ALA B 25 -10.46 -26.19 -26.44
C ALA B 25 -9.35 -25.20 -26.11
N GLU B 26 -8.87 -24.46 -27.13
CA GLU B 26 -7.69 -23.60 -26.98
C GLU B 26 -7.99 -22.11 -26.70
N LEU B 27 -7.27 -21.58 -25.72
CA LEU B 27 -7.51 -20.26 -25.17
C LEU B 27 -6.17 -19.53 -25.02
N GLU B 28 -6.13 -18.24 -25.33
CA GLU B 28 -4.92 -17.45 -25.08
C GLU B 28 -4.72 -17.24 -23.58
N GLU B 29 -3.47 -17.30 -23.13
CA GLU B 29 -3.14 -17.03 -21.73
C GLU B 29 -3.61 -15.64 -21.30
N GLY B 30 -3.98 -15.50 -20.02
CA GLY B 30 -4.49 -14.24 -19.51
C GLY B 30 -5.65 -14.39 -18.53
N VAL B 31 -6.27 -13.27 -18.18
CA VAL B 31 -7.33 -13.22 -17.17
C VAL B 31 -8.69 -13.11 -17.85
N TYR B 32 -9.63 -13.96 -17.44
CA TYR B 32 -10.94 -14.06 -18.08
C TYR B 32 -12.11 -13.83 -17.13
N ARG B 33 -13.16 -13.21 -17.64
CA ARG B 33 -14.44 -13.17 -16.96
C ARG B 33 -15.14 -14.51 -17.17
N ILE B 34 -15.72 -15.05 -16.11
CA ILE B 34 -16.54 -16.23 -16.24
C ILE B 34 -17.99 -15.76 -16.19
N LYS B 35 -18.74 -16.05 -17.26
CA LYS B 35 -20.09 -15.55 -17.39
C LYS B 35 -21.13 -16.67 -17.47
N GLN B 36 -22.36 -16.37 -17.07
CA GLN B 36 -23.41 -17.36 -17.18
C GLN B 36 -24.67 -16.85 -17.89
N GLN B 37 -25.32 -17.76 -18.61
CA GLN B 37 -26.44 -17.40 -19.49
C GLN B 37 -27.77 -16.99 -18.83
N GLY B 38 -28.69 -16.53 -19.67
CA GLY B 38 -29.90 -15.87 -19.21
C GLY B 38 -31.03 -16.73 -18.70
N ILE B 39 -32.25 -16.42 -19.12
CA ILE B 39 -32.50 -15.26 -20.00
C ILE B 39 -32.17 -13.95 -19.27
N PHE B 40 -32.40 -12.83 -19.95
CA PHE B 40 -31.94 -11.49 -19.53
C PHE B 40 -30.51 -11.23 -20.03
N GLY B 41 -29.75 -12.30 -20.26
CA GLY B 41 -28.42 -12.18 -20.84
C GLY B 41 -27.36 -12.87 -20.02
N LYS B 42 -26.12 -12.43 -20.17
CA LYS B 42 -24.99 -13.04 -19.46
C LYS B 42 -24.61 -12.21 -18.24
N THR B 43 -24.14 -12.89 -17.18
CA THR B 43 -23.78 -12.24 -15.94
C THR B 43 -22.46 -12.79 -15.45
N GLN B 44 -21.56 -11.91 -15.05
CA GLN B 44 -20.30 -12.35 -14.52
C GLN B 44 -20.50 -13.01 -13.17
N VAL B 45 -20.00 -14.25 -13.03
CA VAL B 45 -20.08 -14.97 -11.78
C VAL B 45 -18.69 -15.08 -11.19
N GLY B 46 -17.67 -14.74 -11.97
CA GLY B 46 -16.31 -14.83 -11.44
C GLY B 46 -15.26 -14.63 -12.48
N VAL B 47 -14.04 -14.98 -12.09
CA VAL B 47 -12.84 -14.68 -12.82
C VAL B 47 -11.91 -15.91 -12.83
N GLY B 48 -11.14 -16.07 -13.91
CA GLY B 48 -10.13 -17.12 -13.98
C GLY B 48 -8.89 -16.77 -14.77
N VAL B 49 -7.87 -17.61 -14.66
CA VAL B 49 -6.60 -17.39 -15.35
C VAL B 49 -6.24 -18.56 -16.23
N GLN B 50 -5.94 -18.28 -17.49
CA GLN B 50 -5.45 -19.28 -18.41
C GLN B 50 -3.94 -19.15 -18.45
N LYS B 51 -3.26 -20.25 -18.12
CA LYS B 51 -1.81 -20.33 -18.15
C LYS B 51 -1.42 -21.72 -18.62
N GLU B 52 -0.69 -21.77 -19.73
CA GLU B 52 -0.15 -23.03 -20.26
C GLU B 52 -1.25 -24.05 -20.57
N GLY B 53 -2.32 -23.62 -21.22
CA GLY B 53 -3.39 -24.53 -21.64
C GLY B 53 -4.42 -24.89 -20.57
N VAL B 54 -4.18 -24.47 -19.34
CA VAL B 54 -5.06 -24.79 -18.21
C VAL B 54 -5.79 -23.54 -17.68
N PHE B 55 -7.08 -23.68 -17.45
CA PHE B 55 -7.88 -22.59 -16.92
C PHE B 55 -8.09 -22.76 -15.42
N HIS B 56 -7.61 -21.77 -14.64
CA HIS B 56 -7.59 -21.82 -13.18
C HIS B 56 -8.63 -20.90 -12.59
N THR B 57 -9.48 -21.40 -11.73
CA THR B 57 -10.41 -20.54 -11.05
C THR B 57 -10.70 -21.05 -9.63
N MET B 58 -11.70 -20.47 -8.98
CA MET B 58 -12.01 -20.90 -7.63
C MET B 58 -13.19 -21.87 -7.62
N TRP B 59 -13.10 -22.91 -6.80
CA TRP B 59 -14.15 -23.92 -6.75
C TRP B 59 -15.58 -23.32 -6.67
N HIS B 60 -15.78 -22.35 -5.78
CA HIS B 60 -17.13 -21.90 -5.49
C HIS B 60 -17.75 -21.09 -6.62
N VAL B 61 -16.93 -20.68 -7.59
CA VAL B 61 -17.40 -19.92 -8.75
C VAL B 61 -18.16 -20.81 -9.76
N THR B 62 -17.62 -22.01 -10.03
CA THR B 62 -18.17 -22.88 -11.06
C THR B 62 -18.78 -24.17 -10.49
N ARG B 63 -18.29 -24.58 -9.32
CA ARG B 63 -18.65 -25.87 -8.71
C ARG B 63 -18.49 -27.06 -9.67
N GLY B 64 -17.51 -26.95 -10.58
CA GLY B 64 -17.17 -28.03 -11.49
C GLY B 64 -17.95 -28.03 -12.79
N ALA B 65 -18.82 -27.04 -12.97
CA ALA B 65 -19.67 -26.97 -14.16
C ALA B 65 -18.82 -26.85 -15.41
N VAL B 66 -19.35 -27.31 -16.53
CA VAL B 66 -18.61 -27.29 -17.78
C VAL B 66 -18.48 -25.86 -18.27
N LEU B 67 -17.28 -25.50 -18.71
CA LEU B 67 -17.06 -24.21 -19.34
C LEU B 67 -17.14 -24.38 -20.86
N THR B 68 -17.41 -23.28 -21.55
CA THR B 68 -17.62 -23.35 -22.97
C THR B 68 -16.95 -22.17 -23.68
N HIS B 69 -16.13 -22.48 -24.68
CA HIS B 69 -15.53 -21.43 -25.50
C HIS B 69 -15.70 -21.71 -26.96
N ASN B 70 -16.17 -20.68 -27.67
CA ASN B 70 -16.69 -20.80 -29.02
C ASN B 70 -18.01 -21.60 -29.02
N GLY B 71 -18.03 -22.89 -29.38
CA GLY B 71 -16.87 -23.75 -29.57
C GLY B 71 -17.22 -25.08 -28.93
N LYS B 72 -16.33 -25.60 -28.09
CA LYS B 72 -16.65 -26.85 -27.40
C LYS B 72 -16.35 -26.85 -25.89
N ARG B 73 -16.55 -28.02 -25.29
CA ARG B 73 -16.47 -28.20 -23.85
C ARG B 73 -15.06 -28.06 -23.29
N LEU B 74 -15.00 -27.57 -22.07
CA LEU B 74 -13.78 -27.51 -21.27
C LEU B 74 -14.24 -28.02 -19.92
N GLU B 75 -13.57 -29.06 -19.45
CA GLU B 75 -14.08 -29.86 -18.36
C GLU B 75 -13.07 -29.88 -17.21
N PRO B 76 -13.55 -30.02 -15.97
CA PRO B 76 -12.60 -29.92 -14.85
C PRO B 76 -11.67 -31.12 -14.76
N ASN B 77 -10.43 -30.88 -14.38
CA ASN B 77 -9.44 -31.94 -14.25
C ASN B 77 -8.93 -32.08 -12.82
N TRP B 78 -8.92 -30.98 -12.08
CA TRP B 78 -8.50 -31.01 -10.69
C TRP B 78 -9.32 -30.01 -9.86
N ALA B 79 -9.73 -30.40 -8.67
CA ALA B 79 -10.48 -29.48 -7.81
C ALA B 79 -10.24 -29.84 -6.37
N SER B 80 -10.25 -28.83 -5.50
CA SER B 80 -10.19 -29.04 -4.07
C SER B 80 -11.09 -28.07 -3.33
N VAL B 81 -12.10 -28.60 -2.65
CA VAL B 81 -13.03 -27.76 -1.86
C VAL B 81 -12.34 -26.97 -0.73
N LYS B 82 -11.48 -27.62 0.05
CA LYS B 82 -10.78 -26.96 1.16
C LYS B 82 -9.96 -25.77 0.66
N LYS B 83 -9.25 -25.98 -0.44
CA LYS B 83 -8.45 -24.96 -1.11
C LYS B 83 -9.35 -23.94 -1.77
N ASP B 84 -10.56 -24.36 -2.15
CA ASP B 84 -11.48 -23.54 -2.96
C ASP B 84 -10.83 -23.17 -4.27
N LEU B 85 -10.29 -24.18 -4.96
CA LEU B 85 -9.62 -24.01 -6.24
C LEU B 85 -10.05 -25.11 -7.22
N ILE B 86 -10.06 -24.79 -8.51
CA ILE B 86 -10.36 -25.76 -9.55
C ILE B 86 -9.55 -25.44 -10.83
N SER B 87 -9.20 -26.47 -11.60
CA SER B 87 -8.50 -26.24 -12.86
C SER B 87 -9.11 -27.03 -14.00
N TYR B 88 -9.23 -26.38 -15.14
CA TYR B 88 -9.85 -27.00 -16.32
C TYR B 88 -8.79 -27.26 -17.39
N GLY B 89 -8.77 -28.50 -17.90
CA GLY B 89 -7.88 -28.86 -19.02
C GLY B 89 -6.56 -29.51 -18.64
N GLY B 90 -6.26 -29.53 -17.35
CA GLY B 90 -5.02 -30.10 -16.84
C GLY B 90 -4.95 -29.86 -15.35
N GLY B 91 -3.84 -30.27 -14.75
CA GLY B 91 -3.61 -30.02 -13.34
C GLY B 91 -3.15 -28.58 -13.14
N TRP B 92 -3.05 -28.16 -11.89
CA TRP B 92 -2.68 -26.81 -11.50
C TRP B 92 -1.29 -26.42 -12.03
N ARG B 93 -1.20 -25.26 -12.65
CA ARG B 93 0.06 -24.80 -13.28
C ARG B 93 0.62 -23.51 -12.69
N LEU B 94 -0.08 -22.92 -11.73
CA LEU B 94 0.37 -21.70 -11.06
C LEU B 94 1.20 -22.07 -9.83
N SER B 95 2.52 -22.09 -9.99
CA SER B 95 3.45 -22.60 -8.97
C SER B 95 4.08 -21.55 -8.04
N ALA B 96 3.96 -20.27 -8.38
CA ALA B 96 4.57 -19.20 -7.60
C ALA B 96 3.95 -19.10 -6.21
N GLN B 97 4.80 -18.83 -5.23
CA GLN B 97 4.40 -18.79 -3.82
C GLN B 97 4.63 -17.37 -3.31
N TRP B 98 3.68 -16.83 -2.57
CA TRP B 98 3.85 -15.52 -1.96
C TRP B 98 4.86 -15.55 -0.82
N GLN B 99 5.76 -14.56 -0.79
CA GLN B 99 6.73 -14.45 0.32
C GLN B 99 6.24 -13.45 1.36
N LYS B 100 6.48 -13.77 2.63
CA LYS B 100 6.12 -12.91 3.74
C LYS B 100 6.84 -11.57 3.54
N GLY B 101 6.10 -10.48 3.69
CA GLY B 101 6.65 -9.14 3.51
C GLY B 101 6.81 -8.58 2.11
N GLU B 102 6.45 -9.33 1.07
CA GLU B 102 6.52 -8.77 -0.30
C GLU B 102 5.14 -8.30 -0.68
N GLU B 103 5.07 -7.18 -1.39
CA GLU B 103 3.80 -6.62 -1.78
C GLU B 103 3.34 -7.29 -3.06
N VAL B 104 2.02 -7.33 -3.25
CA VAL B 104 1.42 -8.03 -4.39
C VAL B 104 0.48 -7.09 -5.12
N GLN B 105 0.00 -7.50 -6.28
CA GLN B 105 -1.08 -6.79 -6.92
C GLN B 105 -2.22 -7.76 -7.15
N VAL B 106 -3.44 -7.23 -7.00
CA VAL B 106 -4.64 -7.94 -7.40
C VAL B 106 -5.11 -7.35 -8.70
N ILE B 107 -5.29 -8.19 -9.72
CA ILE B 107 -5.88 -7.75 -10.98
C ILE B 107 -7.38 -7.95 -10.83
N ALA B 108 -8.04 -6.91 -10.36
CA ALA B 108 -9.44 -7.05 -9.99
C ALA B 108 -10.31 -6.84 -11.21
N VAL B 109 -11.09 -7.86 -11.53
CA VAL B 109 -12.02 -7.76 -12.66
C VAL B 109 -13.42 -7.83 -12.10
N GLU B 110 -13.97 -6.66 -11.79
CA GLU B 110 -15.31 -6.59 -11.23
C GLU B 110 -16.34 -6.58 -12.36
N PRO B 111 -17.58 -7.06 -12.10
CA PRO B 111 -18.65 -6.96 -13.09
C PRO B 111 -18.90 -5.54 -13.59
N GLY B 112 -18.90 -5.39 -14.92
CA GLY B 112 -19.15 -4.11 -15.56
C GLY B 112 -18.05 -3.08 -15.39
N LYS B 113 -16.90 -3.48 -14.87
CA LYS B 113 -15.77 -2.54 -14.69
C LYS B 113 -14.54 -2.99 -15.47
N ASN B 114 -13.78 -2.00 -15.95
CA ASN B 114 -12.48 -2.28 -16.52
C ASN B 114 -11.60 -2.96 -15.45
N PRO B 115 -10.72 -3.88 -15.87
CA PRO B 115 -9.78 -4.48 -14.94
C PRO B 115 -8.88 -3.39 -14.35
N LYS B 116 -8.48 -3.54 -13.10
CA LYS B 116 -7.60 -2.57 -12.46
C LYS B 116 -6.72 -3.25 -11.43
N ASN B 117 -5.41 -3.00 -11.49
CA ASN B 117 -4.46 -3.56 -10.52
C ASN B 117 -4.45 -2.75 -9.24
N PHE B 118 -4.46 -3.44 -8.11
CA PHE B 118 -4.41 -2.76 -6.84
C PHE B 118 -3.25 -3.31 -6.06
N GLN B 119 -2.33 -2.44 -5.67
CA GLN B 119 -1.16 -2.89 -4.95
C GLN B 119 -1.51 -2.92 -3.47
N THR B 120 -1.03 -3.95 -2.77
CA THR B 120 -1.26 -4.07 -1.35
C THR B 120 -0.15 -4.87 -0.69
N MET B 121 0.07 -4.59 0.59
CA MET B 121 1.00 -5.37 1.39
C MET B 121 0.11 -6.25 2.23
N PRO B 122 0.06 -7.56 1.90
CA PRO B 122 -0.80 -8.45 2.67
C PRO B 122 -0.32 -8.58 4.11
N GLY B 123 -1.26 -8.86 5.00
CA GLY B 123 -0.95 -9.34 6.34
C GLY B 123 -0.80 -10.86 6.30
N THR B 124 -0.89 -11.51 7.45
CA THR B 124 -0.78 -12.97 7.46
C THR B 124 -1.90 -13.62 8.27
N PHE B 125 -2.38 -14.74 7.74
CA PHE B 125 -3.32 -15.61 8.43
C PHE B 125 -2.50 -16.73 9.02
N GLN B 126 -2.63 -16.95 10.33
CA GLN B 126 -1.92 -18.02 11.02
C GLN B 126 -2.87 -19.20 11.20
N THR B 127 -2.45 -20.36 10.67
CA THR B 127 -3.18 -21.61 10.91
C THR B 127 -2.32 -22.52 11.78
N THR B 128 -2.83 -23.73 12.04
CA THR B 128 -2.04 -24.78 12.68
C THR B 128 -0.98 -25.29 11.69
N THR B 129 -1.37 -25.43 10.42
CA THR B 129 -0.46 -25.75 9.32
C THR B 129 0.69 -24.73 9.21
N GLY B 130 0.40 -23.54 8.67
CA GLY B 130 1.43 -22.53 8.40
C GLY B 130 0.84 -21.15 8.16
N GLU B 131 1.38 -20.42 7.20
CA GLU B 131 0.93 -19.04 6.97
C GLU B 131 0.40 -18.81 5.56
N ILE B 132 -0.69 -18.05 5.48
CA ILE B 132 -1.34 -17.67 4.23
C ILE B 132 -1.42 -16.13 4.24
N GLY B 133 -1.08 -15.49 3.12
CA GLY B 133 -1.24 -14.04 3.00
C GLY B 133 -2.69 -13.61 3.19
N ALA B 134 -2.90 -12.40 3.71
CA ALA B 134 -4.25 -11.89 3.93
C ALA B 134 -4.41 -10.54 3.24
N ILE B 135 -5.38 -10.45 2.34
CA ILE B 135 -5.58 -9.26 1.53
C ILE B 135 -6.86 -8.56 1.95
N ALA B 136 -6.70 -7.39 2.55
CA ALA B 136 -7.81 -6.64 3.10
C ALA B 136 -8.35 -5.67 2.06
N LEU B 137 -8.91 -6.22 0.99
CA LEU B 137 -9.53 -5.47 -0.08
C LEU B 137 -10.87 -6.10 -0.36
N ASP B 138 -11.84 -5.26 -0.67
CA ASP B 138 -13.22 -5.68 -0.74
C ASP B 138 -13.84 -5.37 -2.11
N PHE B 139 -13.86 -6.36 -2.98
CA PHE B 139 -14.41 -6.18 -4.32
C PHE B 139 -15.82 -6.76 -4.39
N LYS B 140 -16.60 -6.36 -5.40
CA LYS B 140 -18.01 -6.74 -5.50
C LYS B 140 -18.17 -8.26 -5.70
N PRO B 141 -19.37 -8.80 -5.37
CA PRO B 141 -19.58 -10.17 -5.82
C PRO B 141 -19.31 -10.30 -7.32
N GLY B 142 -18.80 -11.45 -7.74
CA GLY B 142 -18.51 -11.70 -9.14
C GLY B 142 -17.03 -11.59 -9.45
N THR B 143 -16.24 -11.15 -8.48
CA THR B 143 -14.84 -10.90 -8.77
C THR B 143 -13.91 -11.92 -8.11
N SER B 144 -14.50 -12.97 -7.54
CA SER B 144 -13.72 -14.11 -7.03
C SER B 144 -13.00 -14.84 -8.17
N GLY B 145 -11.75 -15.23 -7.92
CA GLY B 145 -10.96 -15.80 -8.95
C GLY B 145 -9.98 -14.81 -9.54
N SER B 146 -10.13 -13.52 -9.24
CA SER B 146 -9.14 -12.55 -9.71
C SER B 146 -7.78 -12.96 -9.16
N PRO B 147 -6.74 -12.88 -9.99
CA PRO B 147 -5.42 -13.34 -9.60
C PRO B 147 -4.67 -12.32 -8.77
N ILE B 148 -3.78 -12.86 -7.95
CA ILE B 148 -2.93 -12.06 -7.11
C ILE B 148 -1.53 -12.34 -7.64
N ILE B 149 -0.82 -11.30 -8.05
CA ILE B 149 0.48 -11.52 -8.71
C ILE B 149 1.64 -10.92 -7.95
N ASN B 150 2.84 -11.44 -8.19
CA ASN B 150 4.05 -10.89 -7.63
C ASN B 150 4.76 -9.98 -8.63
N ARG B 151 5.89 -9.42 -8.21
CA ARG B 151 6.67 -8.47 -9.00
C ARG B 151 7.07 -9.04 -10.37
N GLU B 152 7.28 -10.36 -10.44
CA GLU B 152 7.66 -11.02 -11.69
C GLU B 152 6.48 -11.25 -12.63
N GLY B 153 5.28 -10.84 -12.22
CA GLY B 153 4.09 -11.00 -13.04
C GLY B 153 3.54 -12.41 -12.96
N LYS B 154 3.90 -13.12 -11.90
CA LYS B 154 3.50 -14.52 -11.72
C LYS B 154 2.40 -14.54 -10.66
N VAL B 155 1.41 -15.40 -10.88
CA VAL B 155 0.27 -15.54 -9.98
C VAL B 155 0.66 -16.34 -8.73
N VAL B 156 0.52 -15.72 -7.56
CA VAL B 156 0.82 -16.40 -6.29
C VAL B 156 -0.44 -16.98 -5.63
N GLY B 157 -1.61 -16.66 -6.19
CA GLY B 157 -2.88 -17.14 -5.64
C GLY B 157 -4.08 -16.40 -6.20
N LEU B 158 -5.28 -16.82 -5.80
CA LEU B 158 -6.50 -16.22 -6.30
C LEU B 158 -7.24 -15.59 -5.14
N TYR B 159 -8.07 -14.58 -5.46
CA TYR B 159 -8.78 -13.78 -4.47
C TYR B 159 -10.23 -14.20 -4.35
N GLY B 160 -10.77 -14.25 -3.14
CA GLY B 160 -12.20 -14.43 -3.00
C GLY B 160 -12.69 -15.40 -1.95
N ASN B 161 -11.77 -16.02 -1.21
CA ASN B 161 -12.17 -16.86 -0.09
C ASN B 161 -11.52 -16.31 1.17
N GLY B 162 -12.34 -15.87 2.12
CA GLY B 162 -11.80 -15.21 3.30
C GLY B 162 -12.68 -15.09 4.53
N VAL B 163 -12.46 -14.05 5.31
CA VAL B 163 -13.19 -13.84 6.57
C VAL B 163 -13.62 -12.40 6.73
N VAL B 164 -14.53 -12.15 7.65
CA VAL B 164 -14.90 -10.79 8.02
C VAL B 164 -14.32 -10.51 9.39
N THR B 165 -13.70 -9.34 9.57
CA THR B 165 -13.12 -8.98 10.87
C THR B 165 -14.17 -8.53 11.85
N LYS B 166 -13.74 -8.35 13.10
CA LYS B 166 -14.60 -7.81 14.15
C LYS B 166 -14.98 -6.35 13.89
N ASN B 167 -14.31 -5.73 12.93
CA ASN B 167 -14.66 -4.37 12.51
C ASN B 167 -15.47 -4.32 11.22
N GLY B 168 -15.87 -5.48 10.71
CA GLY B 168 -16.74 -5.57 9.53
C GLY B 168 -15.98 -5.59 8.21
N GLY B 169 -14.66 -5.67 8.32
CA GLY B 169 -13.83 -5.61 7.13
C GLY B 169 -13.68 -6.96 6.47
N TYR B 170 -13.61 -6.96 5.15
CA TYR B 170 -13.47 -8.19 4.42
C TYR B 170 -12.01 -8.44 4.09
N VAL B 171 -11.57 -9.67 4.30
CA VAL B 171 -10.15 -10.04 4.20
C VAL B 171 -10.00 -11.43 3.56
N SER B 172 -9.49 -11.46 2.31
CA SER B 172 -9.32 -12.66 1.54
C SER B 172 -7.99 -13.34 1.79
N GLY B 173 -7.99 -14.68 1.78
CA GLY B 173 -6.73 -15.39 1.82
C GLY B 173 -6.16 -15.31 0.42
N ILE B 174 -4.88 -15.62 0.31
CA ILE B 174 -4.27 -15.85 -1.00
C ILE B 174 -4.48 -17.35 -1.27
N ALA B 175 -5.48 -17.68 -2.10
CA ALA B 175 -5.76 -19.09 -2.39
C ALA B 175 -4.74 -19.66 -3.39
N GLN B 176 -3.92 -20.59 -2.91
CA GLN B 176 -2.88 -21.22 -3.73
C GLN B 176 -2.68 -22.69 -3.33
N THR B 177 -2.20 -23.50 -4.26
CA THR B 177 -1.88 -24.88 -3.92
C THR B 177 -0.36 -25.10 -4.03
N ASN B 178 0.03 -26.15 -4.75
CA ASN B 178 1.41 -26.41 -5.19
C ASN B 178 1.36 -27.15 -6.54
N ALA B 179 1.89 -26.52 -7.59
CA ALA B 179 1.58 -26.88 -9.00
C ALA B 179 2.08 -28.24 -9.50
N GLU B 180 1.29 -28.86 -10.39
CA GLU B 180 1.59 -30.16 -11.05
C GLU B 180 1.22 -31.36 -10.17
N ASP C 6 3.01 35.11 17.20
CA ASP C 6 4.24 34.31 17.42
C ASP C 6 3.92 32.83 17.31
N LEU C 7 4.97 32.02 17.09
CA LEU C 7 4.82 30.60 16.83
C LEU C 7 4.87 29.76 18.10
N THR C 8 3.88 28.90 18.26
CA THR C 8 3.78 28.05 19.44
C THR C 8 3.80 26.57 19.05
N VAL C 9 4.07 25.71 20.02
CA VAL C 9 4.30 24.30 19.73
C VAL C 9 3.50 23.40 20.69
N GLU C 10 2.74 22.46 20.12
CA GLU C 10 1.86 21.59 20.93
C GLU C 10 1.97 20.13 20.50
N LYS C 11 2.21 19.25 21.45
CA LYS C 11 2.38 17.82 21.15
C LYS C 11 1.07 17.21 20.64
N ALA C 12 1.17 16.32 19.66
CA ALA C 12 0.00 15.68 19.11
C ALA C 12 0.09 14.15 19.14
N ALA C 13 1.30 13.62 18.99
CA ALA C 13 1.47 12.18 18.85
C ALA C 13 2.87 11.73 19.24
N ASP C 14 3.04 10.41 19.36
CA ASP C 14 4.35 9.78 19.54
C ASP C 14 4.90 9.28 18.21
N VAL C 15 6.21 9.03 18.16
CA VAL C 15 6.87 8.56 16.94
C VAL C 15 6.89 7.03 16.91
N THR C 16 5.80 6.44 16.46
CA THR C 16 5.67 4.99 16.47
C THR C 16 5.01 4.46 15.20
N TRP C 17 5.46 3.29 14.78
CA TRP C 17 4.90 2.57 13.65
C TRP C 17 3.60 1.88 14.08
N GLU C 18 2.56 2.07 13.28
CA GLU C 18 1.26 1.45 13.53
C GLU C 18 1.08 0.30 12.54
N GLU C 19 0.95 -0.92 13.06
CA GLU C 19 0.98 -2.10 12.19
C GLU C 19 -0.22 -2.27 11.24
N GLU C 20 -1.43 -1.95 11.70
CA GLU C 20 -2.60 -2.07 10.80
C GLU C 20 -2.99 -0.74 10.12
N ALA C 21 -1.99 0.01 9.66
CA ALA C 21 -2.17 1.34 9.07
C ALA C 21 -2.82 1.29 7.69
N GLU C 22 -3.68 2.26 7.38
CA GLU C 22 -4.18 2.42 6.03
C GLU C 22 -3.03 2.58 5.03
N GLN C 23 -3.06 1.76 3.98
CA GLN C 23 -2.10 1.88 2.89
C GLN C 23 -2.71 2.73 1.78
N THR C 24 -1.87 3.57 1.20
CA THR C 24 -2.31 4.51 0.18
C THR C 24 -1.11 5.04 -0.61
N GLY C 25 -1.39 5.59 -1.79
CA GLY C 25 -0.36 6.26 -2.61
C GLY C 25 -0.05 5.55 -3.89
N VAL C 26 0.90 6.09 -4.64
CA VAL C 26 1.42 5.44 -5.85
C VAL C 26 2.93 5.61 -5.87
N SER C 27 3.61 4.72 -6.59
CA SER C 27 5.04 4.79 -6.82
C SER C 27 5.36 5.41 -8.17
N HIS C 28 5.73 6.68 -8.16
CA HIS C 28 6.12 7.41 -9.37
C HIS C 28 7.61 7.27 -9.58
N ASN C 29 8.03 7.28 -10.83
CA ASN C 29 9.45 7.46 -11.15
C ASN C 29 9.64 8.74 -11.98
N LEU C 30 10.20 9.77 -11.35
CA LEU C 30 10.30 11.09 -12.00
C LEU C 30 11.71 11.66 -11.95
N MET C 31 12.10 12.33 -13.03
CA MET C 31 13.32 13.15 -13.02
C MET C 31 12.94 14.57 -12.63
N ILE C 32 13.74 15.15 -11.75
CA ILE C 32 13.49 16.49 -11.23
C ILE C 32 14.76 17.28 -11.10
N THR C 33 14.61 18.60 -11.02
CA THR C 33 15.68 19.49 -10.58
C THR C 33 15.30 20.17 -9.28
N VAL C 34 16.33 20.57 -8.54
CA VAL C 34 16.16 21.28 -7.30
C VAL C 34 16.88 22.61 -7.42
N ASP C 35 16.16 23.71 -7.23
CA ASP C 35 16.76 25.04 -7.22
C ASP C 35 17.58 25.24 -5.95
N ASP C 36 18.38 26.31 -5.94
CA ASP C 36 19.12 26.66 -4.73
C ASP C 36 18.18 27.04 -3.58
N ASP C 37 16.99 27.54 -3.89
CA ASP C 37 16.00 27.84 -2.84
C ASP C 37 15.22 26.60 -2.39
N GLY C 38 15.50 25.46 -3.01
CA GLY C 38 14.85 24.22 -2.66
C GLY C 38 13.64 23.86 -3.51
N THR C 39 13.30 24.71 -4.49
CA THR C 39 12.16 24.45 -5.36
C THR C 39 12.46 23.25 -6.25
N MET C 40 11.60 22.24 -6.14
CA MET C 40 11.69 21.06 -6.97
C MET C 40 10.84 21.23 -8.23
N ARG C 41 11.38 20.82 -9.37
CA ARG C 41 10.69 20.88 -10.66
C ARG C 41 10.81 19.58 -11.45
N ILE C 42 9.74 19.18 -12.09
CA ILE C 42 9.76 18.05 -13.00
C ILE C 42 10.54 18.40 -14.28
N LYS C 43 11.58 17.61 -14.55
CA LYS C 43 12.29 17.61 -15.83
C LYS C 43 11.46 16.85 -16.87
N ASP C 44 10.78 17.62 -17.72
CA ASP C 44 9.94 17.08 -18.77
C ASP C 44 10.75 16.82 -20.05
N GLY D 11 21.00 25.59 1.13
CA GLY D 11 21.87 26.73 1.59
C GLY D 11 22.05 26.69 3.09
N VAL D 12 23.17 26.10 3.53
CA VAL D 12 23.45 25.81 4.97
C VAL D 12 23.72 27.06 5.83
N LEU D 13 23.09 27.10 7.00
CA LEU D 13 23.27 28.18 7.98
C LEU D 13 23.49 27.59 9.38
N TRP D 14 24.47 28.10 10.12
CA TRP D 14 24.83 27.53 11.42
C TRP D 14 24.99 28.61 12.50
N ASP D 15 24.31 28.41 13.64
CA ASP D 15 24.27 29.39 14.73
C ASP D 15 24.17 28.72 16.10
N VAL D 16 25.04 29.13 17.02
CA VAL D 16 25.08 28.56 18.37
C VAL D 16 24.69 29.62 19.42
N PRO D 17 24.01 29.20 20.51
CA PRO D 17 23.56 30.14 21.54
C PRO D 17 24.25 29.96 22.90
N SER D 18 24.14 31.00 23.75
CA SER D 18 24.65 30.98 25.14
C SER D 18 26.14 30.68 25.31
N LYS D 24 15.89 27.27 26.25
CA LYS D 24 15.62 26.78 27.60
C LYS D 24 14.30 25.97 27.73
N ALA D 25 13.57 25.80 26.63
CA ALA D 25 12.37 24.96 26.63
C ALA D 25 12.74 23.47 26.54
N GLU D 26 12.23 22.68 27.48
CA GLU D 26 12.46 21.23 27.53
C GLU D 26 11.24 20.51 26.95
N LEU D 27 11.41 19.86 25.80
CA LEU D 27 10.28 19.21 25.14
C LEU D 27 10.35 17.70 25.21
N GLU D 28 9.20 17.10 25.52
CA GLU D 28 9.02 15.66 25.43
C GLU D 28 9.28 15.21 24.00
N GLU D 29 10.02 14.12 23.85
CA GLU D 29 10.17 13.46 22.56
C GLU D 29 8.78 13.20 21.96
N GLY D 30 8.64 13.43 20.66
CA GLY D 30 7.35 13.23 19.97
C GLY D 30 7.08 14.23 18.87
N VAL D 31 5.93 14.08 18.22
CA VAL D 31 5.50 14.94 17.10
C VAL D 31 4.65 16.12 17.61
N TYR D 32 4.89 17.32 17.08
CA TYR D 32 4.27 18.56 17.55
C TYR D 32 3.59 19.33 16.43
N ARG D 33 2.46 19.95 16.75
CA ARG D 33 1.82 20.93 15.86
C ARG D 33 2.54 22.25 16.07
N ILE D 34 2.80 22.96 14.97
CA ILE D 34 3.33 24.31 15.00
C ILE D 34 2.21 25.30 14.65
N LYS D 35 1.90 26.17 15.59
CA LYS D 35 0.79 27.07 15.44
C LYS D 35 1.19 28.55 15.50
N GLN D 36 0.56 29.34 14.65
CA GLN D 36 0.77 30.78 14.63
C GLN D 36 -0.41 31.44 15.33
N GLN D 37 -0.10 32.29 16.30
CA GLN D 37 -1.11 32.98 17.10
C GLN D 37 -1.37 34.33 16.47
N GLY D 38 -2.56 34.51 15.93
CA GLY D 38 -2.86 35.74 15.19
C GLY D 38 -4.14 36.36 15.66
N ILE D 39 -4.57 37.38 14.93
CA ILE D 39 -5.93 37.81 15.09
C ILE D 39 -6.69 36.65 14.47
N PHE D 40 -7.97 36.50 14.81
CA PHE D 40 -8.77 35.36 14.39
C PHE D 40 -8.39 34.03 15.06
N GLY D 41 -7.35 34.06 15.90
CA GLY D 41 -7.00 32.89 16.69
C GLY D 41 -5.78 32.15 16.16
N LYS D 42 -5.72 30.86 16.42
CA LYS D 42 -4.56 30.06 16.05
C LYS D 42 -4.74 29.36 14.71
N THR D 43 -3.64 29.26 13.97
CA THR D 43 -3.62 28.58 12.70
C THR D 43 -2.46 27.59 12.78
N GLN D 44 -2.71 26.31 12.47
CA GLN D 44 -1.61 25.35 12.31
C GLN D 44 -0.88 25.64 11.00
N VAL D 45 0.40 25.98 11.09
CA VAL D 45 1.18 26.29 9.88
C VAL D 45 2.11 25.15 9.51
N GLY D 46 2.38 24.26 10.46
CA GLY D 46 3.20 23.09 10.18
C GLY D 46 3.32 22.12 11.34
N VAL D 47 4.28 21.21 11.20
CA VAL D 47 4.45 20.10 12.12
C VAL D 47 5.95 19.91 12.31
N GLY D 48 6.37 19.41 13.45
CA GLY D 48 7.79 19.19 13.72
C GLY D 48 8.02 18.04 14.67
N VAL D 49 9.27 17.56 14.79
CA VAL D 49 9.58 16.41 15.65
C VAL D 49 10.69 16.65 16.65
N GLN D 50 10.38 16.31 17.89
CA GLN D 50 11.33 16.41 18.96
C GLN D 50 11.97 15.03 19.16
N LYS D 51 13.29 15.00 19.07
CA LYS D 51 14.07 13.77 19.14
C LYS D 51 15.49 14.11 19.56
N GLU D 52 15.95 13.43 20.61
CA GLU D 52 17.28 13.66 21.17
C GLU D 52 17.52 15.14 21.46
N GLY D 53 16.55 15.75 22.15
CA GLY D 53 16.63 17.15 22.58
C GLY D 53 16.50 18.20 21.50
N VAL D 54 16.16 17.79 20.27
CA VAL D 54 16.19 18.73 19.14
C VAL D 54 14.86 18.75 18.34
N PHE D 55 14.34 19.94 18.14
CA PHE D 55 13.12 20.09 17.37
C PHE D 55 13.41 20.28 15.90
N HIS D 56 12.87 19.37 15.08
CA HIS D 56 13.16 19.33 13.66
C HIS D 56 11.88 19.64 12.89
N THR D 57 11.97 20.55 11.93
CA THR D 57 10.84 20.87 11.05
C THR D 57 11.35 21.40 9.69
N MET D 58 10.44 21.92 8.86
CA MET D 58 10.79 22.42 7.51
C MET D 58 11.07 23.91 7.52
N TRP D 59 12.13 24.29 6.80
CA TRP D 59 12.52 25.68 6.71
C TRP D 59 11.33 26.55 6.31
N HIS D 60 10.59 26.14 5.28
CA HIS D 60 9.49 27.00 4.78
C HIS D 60 8.35 27.17 5.77
N VAL D 61 8.30 26.31 6.78
CA VAL D 61 7.31 26.43 7.83
C VAL D 61 7.65 27.60 8.77
N THR D 62 8.89 27.68 9.24
CA THR D 62 9.24 28.65 10.28
C THR D 62 10.10 29.82 9.79
N ARG D 63 10.78 29.61 8.67
CA ARG D 63 11.71 30.60 8.14
C ARG D 63 12.64 31.19 9.21
N GLY D 64 12.96 30.40 10.22
CA GLY D 64 13.88 30.81 11.26
C GLY D 64 13.27 31.44 12.50
N ALA D 65 11.95 31.64 12.50
CA ALA D 65 11.27 32.26 13.64
C ALA D 65 11.57 31.54 14.95
N VAL D 66 11.58 32.27 16.04
CA VAL D 66 11.69 31.66 17.35
C VAL D 66 10.36 30.95 17.64
N LEU D 67 10.45 29.84 18.36
CA LEU D 67 9.29 29.05 18.78
C LEU D 67 8.99 29.16 20.28
N THR D 68 7.76 28.82 20.64
CA THR D 68 7.27 28.97 22.01
C THR D 68 6.61 27.71 22.54
N HIS D 69 6.96 27.35 23.77
CA HIS D 69 6.30 26.27 24.49
C HIS D 69 6.18 26.64 25.96
N ASN D 70 4.95 26.66 26.46
CA ASN D 70 4.65 27.02 27.84
C ASN D 70 5.49 28.19 28.35
N GLY D 71 5.50 29.26 27.57
CA GLY D 71 6.22 30.50 27.93
C GLY D 71 7.73 30.45 27.83
N LYS D 72 8.26 29.40 27.22
CA LYS D 72 9.70 29.21 27.09
C LYS D 72 10.12 29.21 25.62
N ARG D 73 11.25 29.85 25.35
CA ARG D 73 11.72 30.00 23.99
C ARG D 73 12.62 28.86 23.55
N LEU D 74 12.53 28.55 22.26
CA LEU D 74 13.52 27.70 21.58
C LEU D 74 13.86 28.30 20.23
N GLU D 75 15.14 28.32 19.92
CA GLU D 75 15.63 29.09 18.80
C GLU D 75 16.39 28.21 17.82
N PRO D 76 16.35 28.55 16.52
CA PRO D 76 16.98 27.69 15.51
C PRO D 76 18.51 27.70 15.62
N ASN D 77 19.11 26.53 15.43
CA ASN D 77 20.56 26.40 15.48
C ASN D 77 21.15 26.09 14.10
N TRP D 78 20.38 25.38 13.27
CA TRP D 78 20.85 24.90 11.98
C TRP D 78 19.73 24.92 10.95
N ALA D 79 20.07 25.27 9.70
CA ALA D 79 19.07 25.26 8.61
C ALA D 79 19.69 24.99 7.25
N SER D 80 18.91 24.37 6.36
CA SER D 80 19.28 24.21 4.96
C SER D 80 18.07 24.56 4.08
N VAL D 81 18.16 25.68 3.37
CA VAL D 81 17.07 26.13 2.53
C VAL D 81 16.81 25.13 1.40
N LYS D 82 17.89 24.64 0.79
CA LYS D 82 17.78 23.74 -0.36
C LYS D 82 17.14 22.39 0.00
N LYS D 83 17.51 21.85 1.16
CA LYS D 83 16.87 20.65 1.65
C LYS D 83 15.51 20.96 2.29
N ASP D 84 15.25 22.26 2.51
CA ASP D 84 14.05 22.75 3.21
C ASP D 84 13.94 22.24 4.66
N LEU D 85 15.07 22.25 5.37
CA LEU D 85 15.11 21.73 6.73
C LEU D 85 15.65 22.73 7.75
N ILE D 86 15.08 22.67 8.95
CA ILE D 86 15.50 23.51 10.06
C ILE D 86 15.43 22.73 11.36
N SER D 87 16.43 22.94 12.23
CA SER D 87 16.42 22.31 13.55
C SER D 87 16.71 23.30 14.69
N TYR D 88 16.05 23.06 15.83
CA TYR D 88 16.06 23.95 16.99
C TYR D 88 16.61 23.20 18.19
N GLY D 89 17.61 23.81 18.82
CA GLY D 89 18.21 23.28 20.05
C GLY D 89 19.52 22.55 19.83
N GLY D 90 20.04 22.61 18.61
CA GLY D 90 21.23 21.88 18.21
C GLY D 90 21.18 21.52 16.73
N GLY D 91 22.19 20.79 16.28
CA GLY D 91 22.25 20.34 14.89
C GLY D 91 21.26 19.22 14.57
N TRP D 92 21.07 18.96 13.28
CA TRP D 92 20.19 17.90 12.81
C TRP D 92 20.55 16.55 13.47
N ARG D 93 19.54 15.89 14.04
CA ARG D 93 19.77 14.66 14.81
C ARG D 93 19.21 13.38 14.19
N LEU D 94 18.47 13.54 13.09
CA LEU D 94 17.79 12.43 12.43
C LEU D 94 18.70 11.75 11.40
N SER D 95 19.24 10.61 11.79
CA SER D 95 20.24 9.91 10.99
C SER D 95 19.67 8.90 9.99
N ALA D 96 18.56 8.23 10.35
CA ALA D 96 17.98 7.16 9.53
C ALA D 96 17.74 7.56 8.09
N GLN D 97 17.93 6.61 7.18
CA GLN D 97 17.96 6.89 5.76
C GLN D 97 17.02 5.92 5.02
N TRP D 98 16.21 6.44 4.10
CA TRP D 98 15.27 5.60 3.36
C TRP D 98 15.96 4.56 2.48
N GLN D 99 15.55 3.31 2.63
CA GLN D 99 16.07 2.21 1.83
C GLN D 99 15.15 1.95 0.65
N LYS D 100 15.63 2.19 -0.56
CA LYS D 100 14.83 2.02 -1.77
C LYS D 100 14.08 0.68 -1.80
N GLY D 101 12.79 0.75 -2.09
CA GLY D 101 11.93 -0.43 -2.16
C GLY D 101 11.24 -0.82 -0.85
N GLU D 102 11.53 -0.10 0.23
CA GLU D 102 10.98 -0.42 1.55
C GLU D 102 9.86 0.55 1.88
N GLU D 103 8.69 0.02 2.24
CA GLU D 103 7.54 0.85 2.59
C GLU D 103 7.74 1.73 3.85
N VAL D 104 7.06 2.87 3.90
CA VAL D 104 7.14 3.79 5.04
C VAL D 104 5.76 4.18 5.59
N GLN D 105 5.76 4.90 6.71
CA GLN D 105 4.55 5.57 7.23
C GLN D 105 4.76 7.07 7.47
N VAL D 106 3.78 7.86 7.06
CA VAL D 106 3.79 9.29 7.39
C VAL D 106 2.88 9.43 8.60
N ILE D 107 3.38 10.04 9.66
CA ILE D 107 2.55 10.39 10.81
C ILE D 107 1.94 11.74 10.50
N ALA D 108 0.79 11.69 9.84
CA ALA D 108 0.14 12.88 9.30
C ALA D 108 -0.64 13.58 10.38
N VAL D 109 -0.27 14.84 10.65
CA VAL D 109 -0.92 15.65 11.67
C VAL D 109 -1.57 16.83 10.97
N GLU D 110 -2.79 16.61 10.47
CA GLU D 110 -3.47 17.64 9.69
C GLU D 110 -4.16 18.59 10.65
N PRO D 111 -4.24 19.88 10.28
CA PRO D 111 -4.97 20.80 11.14
C PRO D 111 -6.38 20.32 11.42
N GLY D 112 -6.79 20.40 12.69
CA GLY D 112 -8.16 20.06 13.09
C GLY D 112 -8.49 18.58 13.05
N LYS D 113 -7.49 17.74 12.84
CA LYS D 113 -7.67 16.30 12.77
C LYS D 113 -6.75 15.57 13.75
N ASN D 114 -7.23 14.44 14.28
CA ASN D 114 -6.37 13.52 15.02
C ASN D 114 -5.22 13.01 14.16
N PRO D 115 -4.03 12.81 14.77
CA PRO D 115 -2.91 12.26 14.02
C PRO D 115 -3.23 10.85 13.52
N LYS D 116 -2.93 10.59 12.25
CA LYS D 116 -3.12 9.29 11.64
C LYS D 116 -1.87 8.89 10.86
N ASN D 117 -1.50 7.61 10.96
CA ASN D 117 -0.38 7.03 10.22
C ASN D 117 -0.84 6.52 8.86
N PHE D 118 -0.13 6.92 7.81
CA PHE D 118 -0.45 6.47 6.46
C PHE D 118 0.72 5.68 5.89
N GLN D 119 0.46 4.43 5.51
CA GLN D 119 1.51 3.59 4.95
C GLN D 119 1.55 3.68 3.42
N THR D 120 2.76 3.83 2.89
CA THR D 120 2.94 3.96 1.46
C THR D 120 4.25 3.38 0.98
N MET D 121 4.26 3.01 -0.29
CA MET D 121 5.45 2.54 -0.96
C MET D 121 5.96 3.68 -1.82
N PRO D 122 7.01 4.38 -1.36
CA PRO D 122 7.49 5.56 -2.07
C PRO D 122 8.02 5.22 -3.44
N GLY D 123 7.75 6.09 -4.42
CA GLY D 123 8.36 6.01 -5.72
C GLY D 123 9.77 6.58 -5.61
N THR D 124 10.26 7.16 -6.70
CA THR D 124 11.64 7.63 -6.73
C THR D 124 11.84 8.93 -7.55
N PHE D 125 12.56 9.88 -6.95
CA PHE D 125 12.99 11.09 -7.66
C PHE D 125 14.45 10.97 -8.13
N GLN D 126 14.70 11.16 -9.43
CA GLN D 126 16.05 11.25 -9.97
C GLN D 126 16.55 12.68 -10.06
N THR D 127 17.60 12.97 -9.28
CA THR D 127 18.42 14.15 -9.50
C THR D 127 19.72 13.71 -10.19
N THR D 128 20.76 14.54 -10.04
CA THR D 128 22.13 14.14 -10.34
C THR D 128 23.06 14.63 -9.22
N THR D 129 23.69 13.68 -8.51
CA THR D 129 23.32 12.28 -8.59
C THR D 129 22.69 11.87 -7.26
N GLY D 130 21.91 10.81 -7.27
CA GLY D 130 21.22 10.34 -6.07
C GLY D 130 19.71 10.41 -6.19
N GLU D 131 19.06 9.29 -5.96
CA GLU D 131 17.61 9.24 -5.87
C GLU D 131 17.17 9.71 -4.50
N ILE D 132 15.94 10.20 -4.42
CA ILE D 132 15.25 10.40 -3.16
C ILE D 132 13.83 9.87 -3.26
N GLY D 133 13.32 9.33 -2.15
CA GLY D 133 11.95 8.84 -2.08
C GLY D 133 10.90 9.84 -2.52
N ALA D 134 9.88 9.33 -3.18
CA ALA D 134 8.78 10.14 -3.67
C ALA D 134 7.46 9.63 -3.08
N ILE D 135 6.94 10.38 -2.12
CA ILE D 135 5.66 10.07 -1.45
C ILE D 135 4.52 10.82 -2.15
N ALA D 136 3.61 10.07 -2.78
CA ALA D 136 2.52 10.70 -3.51
C ALA D 136 1.26 10.80 -2.66
N LEU D 137 1.32 11.66 -1.66
CA LEU D 137 0.19 11.94 -0.78
C LEU D 137 -0.01 13.43 -0.71
N ASP D 138 -1.25 13.87 -0.90
CA ASP D 138 -1.61 15.29 -0.84
C ASP D 138 -2.38 15.61 0.45
N PHE D 139 -1.65 15.99 1.50
CA PHE D 139 -2.28 16.33 2.78
C PHE D 139 -2.73 17.77 2.83
N LYS D 140 -3.60 18.07 3.78
CA LYS D 140 -4.14 19.42 3.97
C LYS D 140 -3.05 20.42 4.29
N PRO D 141 -3.24 21.68 3.88
CA PRO D 141 -2.28 22.71 4.23
C PRO D 141 -1.95 22.72 5.71
N GLY D 142 -0.68 22.91 6.05
CA GLY D 142 -0.27 22.96 7.45
C GLY D 142 0.21 21.62 7.95
N THR D 143 0.37 20.66 7.04
CA THR D 143 0.79 19.32 7.39
C THR D 143 2.32 19.15 7.24
N SER D 144 2.97 20.13 6.61
CA SER D 144 4.41 20.07 6.33
C SER D 144 5.25 19.90 7.60
N GLY D 145 6.25 19.06 7.50
CA GLY D 145 7.06 18.72 8.67
C GLY D 145 6.64 17.42 9.32
N SER D 146 5.52 16.84 8.87
CA SER D 146 5.07 15.53 9.37
C SER D 146 6.13 14.49 9.06
N PRO D 147 6.55 13.72 10.06
CA PRO D 147 7.66 12.80 9.88
C PRO D 147 7.28 11.53 9.13
N ILE D 148 8.27 10.99 8.43
CA ILE D 148 8.15 9.78 7.66
C ILE D 148 9.04 8.75 8.36
N ILE D 149 8.49 7.59 8.68
CA ILE D 149 9.20 6.63 9.52
C ILE D 149 9.40 5.28 8.85
N ASN D 150 10.45 4.57 9.28
CA ASN D 150 10.64 3.19 8.85
C ASN D 150 10.08 2.19 9.86
N ARG D 151 10.20 0.90 9.56
CA ARG D 151 9.65 -0.16 10.40
C ARG D 151 10.20 -0.15 11.83
N GLU D 152 11.40 0.40 12.02
CA GLU D 152 12.01 0.47 13.36
C GLU D 152 11.68 1.76 14.10
N GLY D 153 10.85 2.59 13.49
CA GLY D 153 10.33 3.78 14.16
C GLY D 153 11.32 4.93 14.20
N LYS D 154 12.34 4.84 13.34
CA LYS D 154 13.29 5.92 13.19
C LYS D 154 12.81 6.82 12.05
N VAL D 155 12.97 8.14 12.25
CA VAL D 155 12.53 9.12 11.26
C VAL D 155 13.53 9.15 10.12
N VAL D 156 13.05 8.83 8.92
CA VAL D 156 13.91 8.77 7.73
C VAL D 156 13.77 10.02 6.89
N GLY D 157 12.95 10.96 7.34
CA GLY D 157 12.72 12.22 6.62
C GLY D 157 11.44 12.91 7.03
N LEU D 158 11.22 14.10 6.46
CA LEU D 158 10.02 14.87 6.73
C LEU D 158 9.23 15.10 5.44
N TYR D 159 7.89 15.14 5.56
CA TYR D 159 7.01 15.39 4.40
C TYR D 159 6.76 16.87 4.21
N GLY D 160 6.66 17.32 2.96
CA GLY D 160 6.24 18.69 2.68
C GLY D 160 7.10 19.54 1.76
N ASN D 161 8.07 18.95 1.07
CA ASN D 161 8.75 19.63 -0.04
C ASN D 161 8.74 18.72 -1.25
N GLY D 162 7.92 19.10 -2.24
CA GLY D 162 7.79 18.26 -3.41
C GLY D 162 7.41 19.01 -4.66
N VAL D 163 6.83 18.29 -5.61
CA VAL D 163 6.54 18.81 -6.93
C VAL D 163 5.06 18.65 -7.16
N VAL D 164 4.51 19.37 -8.12
CA VAL D 164 3.17 19.03 -8.57
C VAL D 164 3.22 18.47 -10.01
N THR D 165 2.73 17.25 -10.15
CA THR D 165 2.78 16.52 -11.42
C THR D 165 1.91 17.17 -12.47
N LYS D 166 1.96 16.63 -13.68
CA LYS D 166 1.16 17.14 -14.80
C LYS D 166 -0.32 16.71 -14.78
N ASN D 167 -0.71 15.85 -13.82
CA ASN D 167 -2.13 15.68 -13.51
C ASN D 167 -2.57 16.50 -12.30
N GLY D 168 -1.73 17.45 -11.89
CA GLY D 168 -2.05 18.29 -10.73
C GLY D 168 -2.09 17.59 -9.38
N GLY D 169 -1.37 16.47 -9.25
CA GLY D 169 -1.18 15.79 -7.98
C GLY D 169 0.09 16.26 -7.30
N TYR D 170 0.16 16.08 -6.00
CA TYR D 170 1.31 16.54 -5.26
C TYR D 170 2.13 15.34 -4.83
N VAL D 171 3.44 15.39 -5.03
CA VAL D 171 4.32 14.29 -4.62
C VAL D 171 5.44 14.90 -3.82
N SER D 172 5.59 14.47 -2.58
CA SER D 172 6.57 15.04 -1.70
C SER D 172 7.87 14.25 -1.70
N GLY D 173 9.00 14.95 -1.54
CA GLY D 173 10.26 14.28 -1.30
C GLY D 173 10.31 13.75 0.12
N ILE D 174 11.16 12.77 0.37
CA ILE D 174 11.51 12.40 1.71
C ILE D 174 12.65 13.34 2.01
N ALA D 175 12.34 14.47 2.65
CA ALA D 175 13.33 15.49 2.95
C ALA D 175 14.21 15.12 4.16
N GLN D 176 15.48 14.89 3.90
CA GLN D 176 16.41 14.43 4.92
C GLN D 176 17.82 14.93 4.62
N THR D 177 18.62 15.07 5.67
CA THR D 177 20.08 15.17 5.55
C THR D 177 20.73 14.31 6.61
N ASN D 178 22.05 14.32 6.59
CA ASN D 178 22.83 13.52 7.52
C ASN D 178 23.08 14.26 8.82
N ALA D 179 23.03 13.53 9.92
CA ALA D 179 23.19 14.08 11.27
C ALA D 179 24.65 14.17 11.71
N GLU D 180 24.87 14.92 12.80
CA GLU D 180 26.17 15.11 13.48
C GLU D 180 27.32 14.20 13.03
N ARG E 4 4.22 23.69 -1.09
CA ARG E 4 5.14 22.84 -0.29
C ARG E 4 6.33 22.37 -1.14
N LYS F 3 -18.19 -14.12 3.39
CA LYS F 3 -16.82 -14.65 3.41
C LYS F 3 -16.23 -14.81 2.02
N ARG F 4 -17.09 -14.73 1.01
CA ARG F 4 -16.71 -15.10 -0.33
C ARG F 4 -17.01 -14.05 -1.36
#